data_8JF4
#
_entry.id   8JF4
#
_cell.length_a   85.263
_cell.length_b   85.263
_cell.length_c   168.357
_cell.angle_alpha   90.0
_cell.angle_beta   90.0
_cell.angle_gamma   120.0
#
_symmetry.space_group_name_H-M   'P 61 2 2'
#
loop_
_entity.id
_entity.type
_entity.pdbx_description
1 polymer 'Aurora kinase A'
2 non-polymer 2-[4-[4-[bis(oxidanylidene)-$l^5-sulfanyl]oxyphenyl]carbonylpiperazin-1-yl]-6-[(5-cyclopropyl-1H-pyrazol-3-yl)amino]-N-prop-2-ynyl-pyrimidine-4-carboxamide
#
_entity_poly.entity_id   1
_entity_poly.type   'polypeptide(L)'
_entity_poly.pdbx_seq_one_letter_code
;QWALEDFEIGRPLGKGKFGNVYLAREKQSKFILALKVLFKAQLEKAGVEHQLRREVEIQSHLRHPNILRLYGYFHDATRV
YLILEYAPLGTVYRELQKLSKFDEQRTATYITELANALSYCHSKRVIHRDIKPENLLLGSAGELKIADFGWSVHAPSSRR
TTLCGTLDYLPPEMIEGRMHDEKVDLWSLGVLCYEFLVGKPPFEANTYQETYKRISRVEFTFPDFVTEGARDLISRLLKH
NPSQRPMLREVLEHPWITANSSK
;
_entity_poly.pdbx_strand_id   A
#
loop_
_chem_comp.id
_chem_comp.type
_chem_comp.name
_chem_comp.formula
C0N non-polymer 2-[4-[4-[bis(oxidanylidene)-$l^5-sulfanyl]oxyphenyl]carbonylpiperazin-1-yl]-6-[(5-cyclopropyl-1H-pyrazol-3-yl)amino]-N-prop-2-ynyl-pyrimidine-4-carboxamide 'C25 H25 N8 O5 S 1'
#
# COMPACT_ATOMS: atom_id res chain seq x y z
N GLN A 1 3.07 -21.90 16.61
CA GLN A 1 4.43 -22.41 16.51
C GLN A 1 5.44 -21.43 17.09
N TRP A 2 5.01 -20.18 17.27
CA TRP A 2 5.85 -19.15 17.86
C TRP A 2 5.29 -18.61 19.17
N ALA A 3 6.11 -17.85 19.88
CA ALA A 3 5.71 -17.22 21.14
C ALA A 3 6.60 -16.02 21.42
N LEU A 4 6.18 -15.19 22.37
CA LEU A 4 6.87 -13.94 22.66
C LEU A 4 8.27 -14.16 23.24
N GLU A 5 8.61 -15.40 23.56
CA GLU A 5 9.90 -15.67 24.18
C GLU A 5 10.87 -16.42 23.27
N ASP A 6 10.73 -16.21 21.97
CA ASP A 6 11.77 -16.61 21.02
C ASP A 6 12.35 -15.34 20.41
N PHE A 7 11.87 -14.20 20.90
CA PHE A 7 12.21 -12.91 20.31
C PHE A 7 12.82 -11.93 21.30
N GLU A 8 13.65 -11.03 20.77
CA GLU A 8 14.19 -9.91 21.54
C GLU A 8 13.83 -8.60 20.85
N ILE A 9 12.87 -7.89 21.44
CA ILE A 9 12.39 -6.63 20.86
C ILE A 9 13.38 -5.51 21.13
N GLY A 10 13.56 -4.63 20.15
CA GLY A 10 14.47 -3.51 20.28
C GLY A 10 13.83 -2.17 20.07
N ARG A 11 14.39 -1.40 19.14
CA ARG A 11 13.92 -0.06 18.82
C ARG A 11 12.48 -0.05 18.32
N PRO A 12 11.63 0.77 18.97
CA PRO A 12 10.24 0.95 18.51
C PRO A 12 10.17 1.57 17.12
N LEU A 13 9.62 0.83 16.16
CA LEU A 13 9.51 1.32 14.79
C LEU A 13 8.38 2.32 14.64
N GLY A 14 7.17 1.93 15.04
CA GLY A 14 6.02 2.81 14.96
C GLY A 14 4.96 2.54 16.00
N LYS A 15 4.42 3.61 16.58
CA LYS A 15 3.30 3.51 17.52
C LYS A 15 2.02 3.95 16.82
N GLY A 16 1.15 2.98 16.51
CA GLY A 16 -0.04 3.26 15.74
C GLY A 16 -1.34 3.20 16.51
N LYS A 17 -2.42 2.82 15.81
CA LYS A 17 -3.76 2.79 16.38
C LYS A 17 -4.07 1.46 17.06
N PHE A 18 -3.93 0.36 16.31
CA PHE A 18 -4.27 -0.96 16.83
C PHE A 18 -3.11 -1.61 17.58
N GLY A 19 -1.95 -0.97 17.60
CA GLY A 19 -0.80 -1.51 18.32
C GLY A 19 0.53 -0.85 17.98
N ASN A 20 1.61 -1.49 18.40
CA ASN A 20 2.96 -0.99 18.10
C ASN A 20 3.78 -1.99 17.31
N VAL A 21 4.72 -1.48 16.52
CA VAL A 21 5.64 -2.32 15.77
C VAL A 21 7.07 -2.06 16.19
N TYR A 22 7.78 -3.12 16.55
CA TYR A 22 9.12 -2.99 17.06
C TYR A 22 10.13 -3.77 16.22
N LEU A 23 11.37 -3.32 16.25
CA LEU A 23 12.47 -4.09 15.68
C LEU A 23 12.78 -5.24 16.62
N ALA A 24 12.80 -6.47 16.09
CA ALA A 24 13.01 -7.65 16.93
C ALA A 24 13.92 -8.67 16.26
N ARG A 25 14.77 -9.30 17.06
CA ARG A 25 15.66 -10.35 16.58
C ARG A 25 15.27 -11.70 17.15
N GLU A 26 15.01 -12.67 16.28
CA GLU A 26 14.72 -14.04 16.73
C GLU A 26 15.91 -14.60 17.47
N LYS A 27 15.83 -14.62 18.80
CA LYS A 27 16.96 -14.98 19.64
C LYS A 27 17.52 -16.37 19.33
N GLN A 28 16.73 -17.19 18.63
CA GLN A 28 17.16 -18.52 18.25
C GLN A 28 18.45 -18.50 17.43
N SER A 29 18.56 -17.51 16.55
CA SER A 29 19.74 -17.38 15.70
C SER A 29 19.92 -15.97 15.17
N LYS A 30 19.26 -15.00 15.81
CA LYS A 30 19.46 -13.59 15.52
C LYS A 30 19.01 -13.17 14.12
N PHE A 31 17.73 -13.37 13.82
CA PHE A 31 17.19 -12.88 12.55
C PHE A 31 16.52 -11.54 12.77
N ILE A 32 16.81 -10.58 11.90
CA ILE A 32 16.22 -9.26 12.01
C ILE A 32 14.88 -9.18 11.29
N LEU A 33 13.83 -8.91 12.05
CA LEU A 33 12.49 -8.84 11.51
C LEU A 33 11.67 -7.77 12.23
N ALA A 34 10.56 -7.38 11.61
CA ALA A 34 9.65 -6.42 12.23
C ALA A 34 8.53 -7.18 12.93
N LEU A 35 8.33 -6.90 14.22
CA LEU A 35 7.30 -7.57 15.00
C LEU A 35 6.25 -6.60 15.49
N LYS A 36 5.04 -6.75 14.96
CA LYS A 36 3.93 -5.87 15.28
C LYS A 36 2.97 -6.48 16.29
N VAL A 37 2.74 -5.77 17.38
CA VAL A 37 1.86 -6.26 18.43
C VAL A 37 0.46 -5.64 18.34
N LEU A 38 -0.54 -6.47 18.08
CA LEU A 38 -1.92 -6.01 18.04
C LEU A 38 -2.66 -6.51 19.27
N PHE A 39 -3.02 -5.60 20.16
CA PHE A 39 -3.73 -5.97 21.37
C PHE A 39 -5.18 -6.34 21.07
N LYS A 40 -5.78 -7.10 21.98
CA LYS A 40 -7.18 -7.48 21.85
C LYS A 40 -8.05 -6.22 21.87
N ALA A 41 -7.60 -5.22 22.61
CA ALA A 41 -8.26 -3.93 22.62
C ALA A 41 -8.17 -3.31 21.23
N GLN A 42 -9.05 -2.36 20.92
CA GLN A 42 -9.11 -1.78 19.59
C GLN A 42 -9.52 -2.83 18.55
N LEU A 43 -8.79 -3.93 18.51
CA LEU A 43 -9.10 -5.04 17.61
C LEU A 43 -10.44 -5.67 17.94
N GLU A 44 -10.73 -5.81 19.22
CA GLU A 44 -12.01 -6.36 19.66
C GLU A 44 -13.03 -5.25 19.89
N LYS A 45 -12.60 -4.00 19.71
CA LYS A 45 -13.52 -2.88 19.74
C LYS A 45 -14.32 -2.87 18.45
N ALA A 46 -13.68 -3.36 17.39
CA ALA A 46 -14.35 -3.60 16.12
C ALA A 46 -14.53 -5.11 15.94
N GLY A 47 -15.26 -5.49 14.90
CA GLY A 47 -15.46 -6.91 14.62
C GLY A 47 -14.36 -7.44 13.73
N VAL A 48 -13.24 -6.73 13.70
CA VAL A 48 -12.14 -7.04 12.80
C VAL A 48 -11.32 -8.25 13.28
N GLU A 49 -11.80 -8.90 14.34
CA GLU A 49 -11.12 -10.07 14.91
C GLU A 49 -10.85 -11.14 13.86
N HIS A 50 -11.84 -11.40 13.02
CA HIS A 50 -11.68 -12.37 11.94
C HIS A 50 -11.65 -11.66 10.60
N GLN A 51 -11.83 -10.34 10.64
CA GLN A 51 -11.75 -9.52 9.44
C GLN A 51 -10.30 -9.46 8.96
N LEU A 52 -9.41 -9.11 9.88
CA LEU A 52 -7.98 -9.10 9.59
C LEU A 52 -7.33 -10.39 10.08
N ARG A 53 -8.14 -11.44 10.19
CA ARG A 53 -7.64 -12.75 10.55
C ARG A 53 -7.55 -13.61 9.28
N ARG A 54 -8.37 -13.24 8.29
CA ARG A 54 -8.30 -13.84 6.97
C ARG A 54 -7.29 -13.07 6.12
N GLU A 55 -7.04 -11.83 6.52
CA GLU A 55 -6.04 -10.98 5.88
C GLU A 55 -4.66 -11.58 6.08
N VAL A 56 -4.43 -12.12 7.27
CA VAL A 56 -3.18 -12.82 7.57
C VAL A 56 -3.15 -14.14 6.81
N GLU A 57 -4.32 -14.72 6.58
CA GLU A 57 -4.42 -15.95 5.79
C GLU A 57 -3.97 -15.70 4.35
N ILE A 58 -4.25 -14.50 3.86
CA ILE A 58 -3.85 -14.13 2.50
C ILE A 58 -2.38 -13.74 2.46
N GLN A 59 -1.89 -13.13 3.54
CA GLN A 59 -0.52 -12.64 3.61
C GLN A 59 0.51 -13.75 3.51
N SER A 60 0.31 -14.81 4.29
CA SER A 60 1.24 -15.93 4.31
C SER A 60 1.42 -16.55 2.93
N HIS A 61 0.30 -16.87 2.28
CA HIS A 61 0.31 -17.41 0.93
C HIS A 61 0.63 -16.31 -0.08
N LEU A 62 1.72 -15.59 0.16
CA LEU A 62 2.14 -14.48 -0.68
C LEU A 62 3.64 -14.25 -0.58
N ARG A 63 4.35 -14.60 -1.65
CA ARG A 63 5.79 -14.44 -1.70
C ARG A 63 6.18 -13.58 -2.91
N HIS A 64 6.86 -12.47 -2.64
CA HIS A 64 7.24 -11.52 -3.68
C HIS A 64 8.28 -10.54 -3.16
N PRO A 65 9.28 -10.22 -3.99
CA PRO A 65 10.32 -9.25 -3.63
C PRO A 65 9.75 -7.86 -3.38
N ASN A 66 8.57 -7.58 -3.95
CA ASN A 66 7.94 -6.28 -3.77
C ASN A 66 6.71 -6.37 -2.86
N ILE A 67 6.54 -7.52 -2.22
CA ILE A 67 5.45 -7.69 -1.26
C ILE A 67 5.99 -8.13 0.09
N LEU A 68 5.77 -7.29 1.10
CA LEU A 68 6.25 -7.55 2.46
C LEU A 68 5.80 -8.91 2.97
N ARG A 69 6.72 -9.64 3.58
CA ARG A 69 6.45 -11.00 4.01
C ARG A 69 5.75 -11.09 5.36
N LEU A 70 4.98 -12.15 5.54
CA LEU A 70 4.39 -12.48 6.84
C LEU A 70 4.86 -13.88 7.25
N TYR A 71 5.78 -13.93 8.20
CA TYR A 71 6.41 -15.19 8.59
C TYR A 71 5.51 -16.03 9.50
N GLY A 72 4.74 -15.36 10.36
CA GLY A 72 3.83 -16.06 11.24
C GLY A 72 3.13 -15.15 12.24
N TYR A 73 2.49 -15.76 13.22
CA TYR A 73 1.77 -15.01 14.24
C TYR A 73 1.42 -15.91 15.44
N PHE A 74 1.03 -15.28 16.54
CA PHE A 74 0.63 -16.02 17.74
C PHE A 74 -0.21 -15.12 18.66
N HIS A 75 -0.93 -15.74 19.59
CA HIS A 75 -1.88 -15.00 20.42
C HIS A 75 -1.44 -14.91 21.87
N ASP A 76 -1.61 -13.72 22.44
CA ASP A 76 -1.43 -13.52 23.87
C ASP A 76 -2.79 -13.36 24.53
N ALA A 77 -2.80 -13.17 25.84
CA ALA A 77 -4.05 -12.96 26.56
C ALA A 77 -4.55 -11.53 26.33
N THR A 78 -3.62 -10.64 26.02
CA THR A 78 -3.94 -9.22 25.84
C THR A 78 -3.87 -8.80 24.37
N ARG A 79 -3.02 -9.48 23.60
CA ARG A 79 -2.74 -9.04 22.24
C ARG A 79 -2.38 -10.20 21.31
N VAL A 80 -2.20 -9.87 20.03
CA VAL A 80 -1.72 -10.83 19.05
C VAL A 80 -0.46 -10.26 18.39
N TYR A 81 0.43 -11.14 17.96
CA TYR A 81 1.73 -10.72 17.44
C TYR A 81 1.91 -11.15 15.99
N LEU A 82 2.47 -10.26 15.18
CA LEU A 82 2.70 -10.54 13.77
C LEU A 82 4.18 -10.43 13.40
N ILE A 83 4.73 -11.52 12.88
CA ILE A 83 6.13 -11.55 12.48
C ILE A 83 6.27 -11.11 11.03
N LEU A 84 6.84 -9.92 10.83
CA LEU A 84 6.94 -9.35 9.49
C LEU A 84 8.37 -9.03 9.07
N GLU A 85 8.59 -9.01 7.76
CA GLU A 85 9.89 -8.68 7.19
C GLU A 85 10.30 -7.27 7.56
N TYR A 86 11.60 -7.06 7.74
CA TYR A 86 12.08 -5.74 8.10
C TYR A 86 12.52 -4.94 6.87
N ALA A 87 11.98 -3.73 6.79
CA ALA A 87 12.28 -2.80 5.71
C ALA A 87 13.13 -1.66 6.27
N PRO A 88 14.45 -1.73 6.00
CA PRO A 88 15.47 -0.86 6.57
C PRO A 88 15.20 0.64 6.42
N LEU A 89 14.57 1.05 5.32
CA LEU A 89 14.48 2.47 5.00
C LEU A 89 13.07 3.06 5.09
N GLY A 90 12.29 2.59 6.06
CA GLY A 90 11.01 3.19 6.38
C GLY A 90 9.96 3.15 5.28
N THR A 91 9.01 4.08 5.35
CA THR A 91 7.89 4.13 4.42
C THR A 91 8.09 5.17 3.33
N VAL A 92 7.35 5.04 2.24
CA VAL A 92 7.38 6.00 1.15
C VAL A 92 6.75 7.33 1.55
N TYR A 93 5.88 7.28 2.55
CA TYR A 93 5.22 8.47 3.06
C TYR A 93 6.21 9.37 3.78
N ARG A 94 7.19 8.75 4.43
CA ARG A 94 8.24 9.46 5.13
C ARG A 94 9.18 10.12 4.13
N GLU A 95 9.61 9.35 3.14
CA GLU A 95 10.46 9.86 2.06
C GLU A 95 9.74 10.95 1.28
N LEU A 96 8.41 10.86 1.25
CA LEU A 96 7.59 11.83 0.51
C LEU A 96 7.46 13.15 1.27
N GLN A 97 7.57 13.09 2.59
CA GLN A 97 7.51 14.30 3.41
C GLN A 97 8.83 15.04 3.40
N LYS A 98 9.92 14.29 3.20
CA LYS A 98 11.24 14.87 3.19
C LYS A 98 11.58 15.47 1.82
N LEU A 99 11.09 14.83 0.76
CA LEU A 99 11.37 15.31 -0.59
C LEU A 99 10.19 16.07 -1.18
N SER A 100 9.09 16.11 -0.43
CA SER A 100 7.88 16.82 -0.83
C SER A 100 7.24 16.23 -2.10
N LYS A 101 8.03 16.12 -3.16
CA LYS A 101 7.55 15.55 -4.41
C LYS A 101 8.69 14.83 -5.13
N PHE A 102 8.35 13.71 -5.76
CA PHE A 102 9.33 12.89 -6.47
C PHE A 102 9.51 13.34 -7.92
N ASP A 103 10.59 12.89 -8.56
CA ASP A 103 10.80 13.18 -9.97
C ASP A 103 10.16 12.11 -10.84
N GLU A 104 10.60 12.01 -12.09
CA GLU A 104 10.02 11.05 -13.02
C GLU A 104 10.76 9.71 -12.97
N GLN A 105 12.06 9.74 -12.71
CA GLN A 105 12.83 8.51 -12.60
C GLN A 105 12.36 7.67 -11.42
N ARG A 106 12.27 8.29 -10.27
CA ARG A 106 11.87 7.61 -9.04
C ARG A 106 10.42 7.12 -9.09
N THR A 107 9.54 7.99 -9.56
CA THR A 107 8.11 7.67 -9.64
C THR A 107 7.85 6.51 -10.60
N ALA A 108 8.45 6.57 -11.79
CA ALA A 108 8.26 5.55 -12.81
C ALA A 108 8.69 4.18 -12.30
N THR A 109 9.72 4.17 -11.47
CA THR A 109 10.23 2.93 -10.90
C THR A 109 9.29 2.40 -9.81
N TYR A 110 8.69 3.31 -9.05
CA TYR A 110 7.78 2.92 -7.98
C TYR A 110 6.50 2.29 -8.51
N ILE A 111 5.97 2.82 -9.61
CA ILE A 111 4.76 2.29 -10.22
C ILE A 111 5.08 1.01 -11.00
N THR A 112 6.36 0.81 -11.29
CA THR A 112 6.81 -0.40 -11.94
C THR A 112 6.84 -1.55 -10.95
N GLU A 113 7.49 -1.33 -9.81
CA GLU A 113 7.54 -2.33 -8.74
C GLU A 113 6.14 -2.60 -8.19
N LEU A 114 5.26 -1.61 -8.33
CA LEU A 114 3.88 -1.74 -7.87
C LEU A 114 3.03 -2.53 -8.86
N ALA A 115 3.21 -2.24 -10.15
CA ALA A 115 2.47 -2.95 -11.20
C ALA A 115 2.80 -4.45 -11.16
N ASN A 116 4.07 -4.76 -10.93
CA ASN A 116 4.50 -6.15 -10.82
C ASN A 116 3.84 -6.83 -9.63
N ALA A 117 3.86 -6.16 -8.48
CA ALA A 117 3.29 -6.72 -7.26
C ALA A 117 1.79 -6.92 -7.39
N LEU A 118 1.11 -5.95 -8.00
CA LEU A 118 -0.32 -6.05 -8.22
C LEU A 118 -0.66 -7.13 -9.24
N SER A 119 0.17 -7.26 -10.27
CA SER A 119 -0.03 -8.30 -11.28
C SER A 119 0.06 -9.69 -10.65
N TYR A 120 1.11 -9.89 -9.87
CA TYR A 120 1.30 -11.13 -9.12
C TYR A 120 0.12 -11.39 -8.18
N CYS A 121 -0.41 -10.32 -7.59
CA CYS A 121 -1.54 -10.41 -6.67
C CYS A 121 -2.81 -10.83 -7.39
N HIS A 122 -2.96 -10.39 -8.63
CA HIS A 122 -4.14 -10.73 -9.41
C HIS A 122 -4.04 -12.13 -10.00
N SER A 123 -2.83 -12.50 -10.42
CA SER A 123 -2.58 -13.85 -10.92
C SER A 123 -2.79 -14.85 -9.79
N LYS A 124 -2.47 -14.44 -8.57
CA LYS A 124 -2.69 -15.26 -7.40
C LYS A 124 -4.10 -15.03 -6.87
N ARG A 125 -4.89 -14.29 -7.64
CA ARG A 125 -6.29 -14.03 -7.29
C ARG A 125 -6.39 -13.27 -5.97
N VAL A 126 -5.78 -12.09 -5.92
CA VAL A 126 -5.86 -11.26 -4.73
C VAL A 126 -6.24 -9.81 -5.04
N ILE A 127 -7.41 -9.39 -4.57
CA ILE A 127 -7.85 -8.02 -4.71
C ILE A 127 -7.34 -7.16 -3.56
N HIS A 128 -6.76 -6.02 -3.89
CA HIS A 128 -6.17 -5.15 -2.88
C HIS A 128 -6.82 -3.77 -2.86
N ARG A 129 -6.83 -3.17 -1.68
CA ARG A 129 -7.24 -1.78 -1.50
C ARG A 129 -6.26 -1.15 -0.52
N ASP A 130 -6.58 0.05 -0.04
CA ASP A 130 -5.81 0.66 1.05
C ASP A 130 -4.41 1.11 0.62
N ILE A 131 -3.88 0.48 -0.42
CA ILE A 131 -2.54 0.75 -0.92
C ILE A 131 -2.24 2.25 -1.02
N LYS A 132 -1.45 2.73 -0.08
CA LYS A 132 -1.09 4.15 -0.02
C LYS A 132 0.30 4.32 0.57
N PRO A 133 0.91 5.49 0.33
CA PRO A 133 2.28 5.82 0.77
C PRO A 133 2.57 5.45 2.23
N GLU A 134 1.52 5.36 3.04
CA GLU A 134 1.67 4.95 4.42
C GLU A 134 1.83 3.44 4.52
N ASN A 135 1.54 2.75 3.43
CA ASN A 135 1.61 1.30 3.38
C ASN A 135 2.70 0.77 2.46
N LEU A 136 3.70 1.60 2.17
CA LEU A 136 4.76 1.18 1.26
C LEU A 136 6.14 1.37 1.89
N LEU A 137 6.80 0.25 2.18
CA LEU A 137 8.11 0.30 2.82
C LEU A 137 9.22 0.21 1.77
N LEU A 138 10.41 0.73 2.12
CA LEU A 138 11.57 0.55 1.25
C LEU A 138 12.53 -0.46 1.86
N GLY A 139 13.11 -1.29 1.01
CA GLY A 139 14.06 -2.30 1.46
C GLY A 139 15.45 -1.73 1.59
N SER A 140 16.44 -2.63 1.63
CA SER A 140 17.83 -2.25 1.73
C SER A 140 18.28 -1.43 0.53
N ALA A 141 17.88 -1.87 -0.66
CA ALA A 141 18.27 -1.20 -1.90
C ALA A 141 17.20 -0.22 -2.37
N GLY A 142 16.27 0.11 -1.49
CA GLY A 142 15.18 0.99 -1.83
C GLY A 142 14.06 0.25 -2.56
N GLU A 143 14.11 -1.07 -2.48
CA GLU A 143 13.11 -1.91 -3.11
C GLU A 143 11.73 -1.68 -2.50
N LEU A 144 10.81 -1.22 -3.34
CA LEU A 144 9.45 -0.94 -2.89
C LEU A 144 8.73 -2.21 -2.41
N LYS A 145 8.07 -2.12 -1.27
CA LYS A 145 7.37 -3.26 -0.69
C LYS A 145 6.04 -2.84 -0.06
N ILE A 146 4.95 -3.39 -0.58
CA ILE A 146 3.62 -3.06 -0.10
C ILE A 146 3.29 -3.84 1.17
N ALA A 147 2.49 -3.22 2.04
CA ALA A 147 2.21 -3.78 3.36
C ALA A 147 0.72 -3.72 3.72
N ASP A 148 0.45 -3.85 5.01
CA ASP A 148 -0.92 -3.86 5.53
C ASP A 148 -1.70 -5.07 5.01
N PHE A 149 -2.48 -4.88 3.95
CA PHE A 149 -3.28 -5.94 3.34
C PHE A 149 -4.36 -6.49 4.28
N GLY A 150 -4.51 -5.85 5.45
CA GLY A 150 -5.59 -6.20 6.36
C GLY A 150 -6.92 -5.92 5.70
N TRP A 151 -6.87 -5.00 4.73
CA TRP A 151 -8.03 -4.67 3.91
C TRP A 151 -7.90 -5.34 2.55
N SER A 152 -8.12 -6.65 2.52
CA SER A 152 -7.94 -7.42 1.29
C SER A 152 -9.09 -8.41 1.06
N CYS A 164 -16.09 5.53 6.73
CA CYS A 164 -14.92 4.69 6.99
C CYS A 164 -13.68 5.54 7.24
N GLY A 165 -12.59 5.22 6.55
CA GLY A 165 -11.37 5.99 6.64
C GLY A 165 -11.28 7.00 5.53
N THR A 166 -10.09 7.55 5.31
CA THR A 166 -9.87 8.52 4.24
C THR A 166 -10.16 7.91 2.88
N LEU A 167 -11.10 8.51 2.15
CA LEU A 167 -11.52 7.98 0.86
C LEU A 167 -10.49 8.24 -0.24
N ASP A 168 -9.48 9.05 0.06
CA ASP A 168 -8.53 9.57 -0.93
C ASP A 168 -8.08 8.57 -1.98
N TYR A 169 -7.93 7.31 -1.58
CA TYR A 169 -7.37 6.30 -2.47
C TYR A 169 -8.40 5.28 -2.94
N LEU A 170 -9.67 5.53 -2.65
CA LEU A 170 -10.73 4.64 -3.07
C LEU A 170 -11.22 4.98 -4.47
N PRO A 171 -11.53 3.95 -5.27
CA PRO A 171 -12.09 4.14 -6.62
C PRO A 171 -13.56 4.49 -6.56
N PRO A 172 -14.11 5.10 -7.62
CA PRO A 172 -15.51 5.55 -7.70
C PRO A 172 -16.52 4.46 -7.39
N GLU A 173 -16.33 3.26 -7.96
CA GLU A 173 -17.29 2.18 -7.82
C GLU A 173 -17.40 1.70 -6.37
N MET A 174 -16.34 1.90 -5.60
CA MET A 174 -16.27 1.40 -4.24
C MET A 174 -16.99 2.32 -3.26
N ILE A 175 -16.89 3.63 -3.48
CA ILE A 175 -17.56 4.60 -2.61
C ILE A 175 -19.03 4.72 -2.96
N GLU A 176 -19.38 4.42 -4.20
CA GLU A 176 -20.77 4.44 -4.62
C GLU A 176 -21.50 3.20 -4.14
N GLY A 177 -20.83 2.42 -3.30
CA GLY A 177 -21.40 1.23 -2.70
C GLY A 177 -21.72 0.15 -3.70
N ARG A 178 -21.18 0.30 -4.92
CA ARG A 178 -21.50 -0.59 -6.02
C ARG A 178 -20.50 -1.75 -6.10
N MET A 179 -20.37 -2.35 -7.29
CA MET A 179 -19.51 -3.50 -7.48
C MET A 179 -18.07 -3.08 -7.77
N HIS A 180 -17.12 -3.94 -7.42
CA HIS A 180 -15.71 -3.67 -7.68
C HIS A 180 -14.97 -4.97 -7.99
N ASP A 181 -13.96 -4.87 -8.84
CA ASP A 181 -13.18 -6.04 -9.23
C ASP A 181 -11.68 -5.73 -9.27
N GLU A 182 -10.94 -6.47 -10.10
CA GLU A 182 -9.48 -6.33 -10.14
C GLU A 182 -9.05 -4.97 -10.66
N LYS A 183 -9.93 -4.28 -11.36
CA LYS A 183 -9.62 -2.98 -11.95
C LYS A 183 -9.57 -1.86 -10.91
N VAL A 184 -9.74 -2.22 -9.64
CA VAL A 184 -9.66 -1.24 -8.56
C VAL A 184 -8.21 -0.81 -8.34
N ASP A 185 -7.29 -1.75 -8.48
CA ASP A 185 -5.87 -1.49 -8.23
C ASP A 185 -5.23 -0.59 -9.28
N LEU A 186 -5.97 -0.36 -10.36
CA LEU A 186 -5.48 0.48 -11.45
C LEU A 186 -5.97 1.92 -11.26
N TRP A 187 -6.87 2.09 -10.32
CA TRP A 187 -7.28 3.42 -9.87
C TRP A 187 -6.30 3.90 -8.81
N SER A 188 -5.89 2.98 -7.94
CA SER A 188 -4.89 3.27 -6.92
C SER A 188 -3.57 3.63 -7.57
N LEU A 189 -3.21 2.91 -8.62
CA LEU A 189 -1.99 3.20 -9.37
C LEU A 189 -2.04 4.62 -9.92
N GLY A 190 -3.24 5.08 -10.27
CA GLY A 190 -3.40 6.42 -10.80
C GLY A 190 -3.28 7.49 -9.73
N VAL A 191 -3.91 7.24 -8.59
CA VAL A 191 -3.87 8.18 -7.47
C VAL A 191 -2.46 8.27 -6.89
N LEU A 192 -1.79 7.14 -6.78
CA LEU A 192 -0.41 7.10 -6.27
C LEU A 192 0.55 7.89 -7.17
N CYS A 193 0.57 7.56 -8.45
CA CYS A 193 1.44 8.20 -9.42
C CYS A 193 1.29 9.71 -9.43
N TYR A 194 0.08 10.18 -9.14
CA TYR A 194 -0.20 11.59 -9.03
C TYR A 194 0.42 12.16 -7.76
N GLU A 195 0.23 11.46 -6.64
CA GLU A 195 0.74 11.91 -5.35
C GLU A 195 2.26 11.95 -5.32
N PHE A 196 2.89 10.96 -5.95
CA PHE A 196 4.35 10.94 -6.04
C PHE A 196 4.85 12.13 -6.85
N LEU A 197 4.15 12.43 -7.93
CA LEU A 197 4.53 13.52 -8.83
C LEU A 197 4.22 14.90 -8.24
N VAL A 198 3.11 15.00 -7.54
CA VAL A 198 2.61 16.30 -7.11
C VAL A 198 2.86 16.56 -5.63
N GLY A 199 2.76 15.51 -4.81
CA GLY A 199 2.97 15.64 -3.39
C GLY A 199 1.69 15.42 -2.60
N LYS A 200 0.56 15.48 -3.28
CA LYS A 200 -0.73 15.26 -2.64
C LYS A 200 -1.66 14.47 -3.55
N PRO A 201 -2.62 13.74 -2.95
CA PRO A 201 -3.59 12.97 -3.74
C PRO A 201 -4.47 13.88 -4.59
N PRO A 202 -4.91 13.39 -5.76
CA PRO A 202 -5.65 14.19 -6.75
C PRO A 202 -7.08 14.53 -6.34
N PHE A 203 -7.54 14.00 -5.21
CA PHE A 203 -8.90 14.26 -4.75
C PHE A 203 -8.93 14.64 -3.28
N GLU A 204 -7.92 15.35 -2.83
CA GLU A 204 -7.84 15.75 -1.44
C GLU A 204 -8.92 16.78 -1.09
N ALA A 205 -9.10 17.03 0.20
CA ALA A 205 -10.14 17.92 0.67
C ALA A 205 -10.07 18.17 2.18
N ASN A 206 -11.20 18.48 2.78
CA ASN A 206 -11.32 18.65 4.23
C ASN A 206 -12.50 17.86 4.77
N THR A 207 -13.19 17.15 3.88
CA THR A 207 -14.39 16.39 4.24
C THR A 207 -14.59 15.17 3.34
N TYR A 208 -15.41 14.24 3.81
CA TYR A 208 -15.87 13.13 2.97
C TYR A 208 -16.72 13.63 1.82
N GLN A 209 -17.78 14.34 2.20
CA GLN A 209 -18.83 14.83 1.31
C GLN A 209 -18.26 15.59 0.11
N GLU A 210 -17.12 16.21 0.31
CA GLU A 210 -16.43 16.90 -0.78
C GLU A 210 -15.56 15.93 -1.57
N THR A 211 -14.74 15.17 -0.85
CA THR A 211 -13.87 14.17 -1.49
C THR A 211 -14.73 13.13 -2.22
N TYR A 212 -15.81 12.72 -1.57
CA TYR A 212 -16.76 11.78 -2.17
C TYR A 212 -17.30 12.35 -3.47
N LYS A 213 -17.68 13.62 -3.47
CA LYS A 213 -18.14 14.27 -4.70
C LYS A 213 -17.02 14.31 -5.73
N ARG A 214 -15.84 14.78 -5.31
CA ARG A 214 -14.72 14.95 -6.22
C ARG A 214 -14.25 13.60 -6.79
N ILE A 215 -14.18 12.59 -5.94
CA ILE A 215 -13.79 11.26 -6.38
C ILE A 215 -14.88 10.63 -7.24
N SER A 216 -16.12 10.98 -6.96
CA SER A 216 -17.24 10.41 -7.71
C SER A 216 -17.34 11.03 -9.10
N ARG A 217 -17.07 12.33 -9.17
CA ARG A 217 -17.11 13.05 -10.44
C ARG A 217 -15.79 12.92 -11.19
N VAL A 218 -14.78 12.37 -10.51
CA VAL A 218 -13.46 12.23 -11.08
C VAL A 218 -12.94 13.58 -11.54
N GLU A 219 -12.91 14.53 -10.60
CA GLU A 219 -12.51 15.90 -10.91
C GLU A 219 -11.15 16.24 -10.31
N PHE A 220 -10.14 16.29 -11.17
CA PHE A 220 -8.79 16.64 -10.73
C PHE A 220 -8.13 17.58 -11.73
N THR A 221 -7.11 18.30 -11.26
CA THR A 221 -6.36 19.20 -12.13
C THR A 221 -4.87 18.91 -12.03
N PHE A 222 -4.12 19.38 -13.03
CA PHE A 222 -2.68 19.16 -13.09
C PHE A 222 -1.91 20.45 -12.83
N PRO A 223 -0.91 20.39 -11.92
CA PRO A 223 0.05 21.49 -11.78
C PRO A 223 0.81 21.68 -13.08
N ASP A 224 1.44 22.84 -13.27
CA ASP A 224 2.10 23.13 -14.54
C ASP A 224 3.23 22.17 -14.86
N PHE A 225 4.00 21.79 -13.84
CA PHE A 225 5.23 21.03 -14.05
C PHE A 225 4.99 19.58 -14.48
N VAL A 226 3.94 18.94 -13.95
CA VAL A 226 3.65 17.56 -14.32
C VAL A 226 3.43 17.44 -15.82
N THR A 227 4.28 16.66 -16.47
CA THR A 227 4.39 16.65 -17.93
C THR A 227 3.44 15.69 -18.64
N GLU A 228 3.27 15.92 -19.93
CA GLU A 228 2.53 14.99 -20.79
C GLU A 228 3.31 13.68 -20.86
N GLY A 229 2.57 12.58 -21.03
CA GLY A 229 3.15 11.26 -20.87
C GLY A 229 2.89 10.81 -19.45
N ALA A 230 3.03 11.74 -18.50
CA ALA A 230 2.63 11.47 -17.12
C ALA A 230 1.16 11.80 -16.98
N ARG A 231 0.75 12.90 -17.60
CA ARG A 231 -0.66 13.28 -17.65
C ARG A 231 -1.47 12.25 -18.41
N ASP A 232 -0.92 11.78 -19.52
CA ASP A 232 -1.58 10.79 -20.36
C ASP A 232 -1.74 9.45 -19.62
N LEU A 233 -0.82 9.18 -18.70
CA LEU A 233 -0.89 7.93 -17.93
C LEU A 233 -1.84 8.05 -16.74
N ILE A 234 -1.80 9.19 -16.06
CA ILE A 234 -2.69 9.44 -14.93
C ILE A 234 -4.12 9.56 -15.44
N SER A 235 -4.27 10.11 -16.64
CA SER A 235 -5.58 10.27 -17.25
C SER A 235 -6.17 8.93 -17.69
N ARG A 236 -5.37 8.13 -18.40
CA ARG A 236 -5.81 6.82 -18.86
C ARG A 236 -6.18 5.93 -17.67
N LEU A 237 -5.44 6.09 -16.58
CA LEU A 237 -5.62 5.26 -15.40
C LEU A 237 -6.84 5.68 -14.59
N LEU A 238 -7.19 6.96 -14.64
CA LEU A 238 -8.27 7.49 -13.81
C LEU A 238 -9.58 7.73 -14.57
N LYS A 239 -10.06 6.69 -15.26
CA LYS A 239 -11.37 6.76 -15.90
C LYS A 239 -12.45 6.24 -14.96
N HIS A 240 -13.62 6.85 -15.03
CA HIS A 240 -14.70 6.53 -14.10
C HIS A 240 -15.14 5.07 -14.20
N ASN A 241 -15.46 4.64 -15.41
CA ASN A 241 -15.85 3.26 -15.64
C ASN A 241 -14.66 2.33 -15.42
N PRO A 242 -14.90 1.15 -14.82
CA PRO A 242 -13.87 0.15 -14.51
C PRO A 242 -13.09 -0.31 -15.74
N SER A 243 -13.68 -0.14 -16.92
CA SER A 243 -12.99 -0.45 -18.16
C SER A 243 -12.25 0.80 -18.64
N GLN A 244 -11.58 0.69 -19.78
CA GLN A 244 -10.78 1.80 -20.30
C GLN A 244 -9.58 2.08 -19.41
N ARG A 245 -9.51 1.40 -18.27
CA ARG A 245 -8.31 1.38 -17.45
C ARG A 245 -7.45 0.22 -17.93
N PRO A 246 -6.24 0.52 -18.41
CA PRO A 246 -5.34 -0.52 -18.91
C PRO A 246 -5.01 -1.56 -17.85
N MET A 247 -4.97 -2.83 -18.24
CA MET A 247 -4.48 -3.87 -17.34
C MET A 247 -3.00 -3.58 -17.11
N LEU A 248 -2.52 -3.84 -15.89
CA LEU A 248 -1.17 -3.48 -15.49
C LEU A 248 -0.10 -3.96 -16.48
N ARG A 249 -0.42 -5.00 -17.25
CA ARG A 249 0.45 -5.44 -18.33
C ARG A 249 0.71 -4.31 -19.30
N GLU A 250 -0.29 -3.45 -19.46
CA GLU A 250 -0.22 -2.34 -20.41
C GLU A 250 0.39 -1.10 -19.78
N VAL A 251 0.42 -1.07 -18.45
CA VAL A 251 0.94 0.09 -17.73
C VAL A 251 2.45 0.05 -17.67
N LEU A 252 3.03 -1.16 -17.64
CA LEU A 252 4.48 -1.30 -17.67
C LEU A 252 5.01 -0.97 -19.07
N GLU A 253 4.10 -0.95 -20.03
CA GLU A 253 4.45 -0.76 -21.43
C GLU A 253 4.47 0.72 -21.81
N HIS A 254 3.76 1.54 -21.05
CA HIS A 254 3.61 2.96 -21.34
C HIS A 254 4.95 3.64 -21.57
N PRO A 255 5.04 4.45 -22.64
CA PRO A 255 6.30 5.09 -23.06
C PRO A 255 6.91 5.94 -21.96
N TRP A 256 6.10 6.76 -21.31
CA TRP A 256 6.57 7.58 -20.20
C TRP A 256 7.13 6.70 -19.08
N ILE A 257 6.47 5.57 -18.85
CA ILE A 257 6.91 4.63 -17.83
C ILE A 257 8.29 4.06 -18.17
N THR A 258 8.40 3.49 -19.37
CA THR A 258 9.64 2.85 -19.81
C THR A 258 10.76 3.86 -20.01
N ALA A 259 10.40 5.06 -20.47
CA ALA A 259 11.39 6.11 -20.74
C ALA A 259 11.98 6.68 -19.46
N ASN A 260 11.42 6.31 -18.32
CA ASN A 260 11.88 6.85 -17.05
C ASN A 260 12.13 5.78 -15.99
N SER A 261 11.59 4.59 -16.19
CA SER A 261 11.64 3.53 -15.18
C SER A 261 13.02 2.88 -15.07
N SER A 262 13.13 1.94 -14.14
CA SER A 262 14.36 1.18 -13.93
C SER A 262 14.04 -0.31 -13.90
N LYS A 263 15.04 -1.13 -14.22
CA LYS A 263 14.86 -2.58 -14.24
C LYS A 263 16.21 -3.28 -14.23
N1 C0N B . 9.83 2.96 9.92
N3 C0N B . 13.40 3.30 8.77
C4 C0N B . 10.30 0.25 9.31
C5 C0N B . 12.19 3.61 9.47
C6 C0N B . 14.49 4.22 8.72
C7 C0N B . 14.03 5.63 8.38
C8 C0N B . 13.67 6.73 8.12
C10 C0N B . 8.30 -2.11 9.51
C13 C0N B . 5.23 -3.76 8.50
C15 C0N B . 7.28 3.65 11.00
C17 C0N B . 5.20 1.64 11.10
C20 C0N B . 2.44 2.41 11.93
C21 C0N B . 2.07 2.06 13.18
C22 C0N B . 0.93 1.05 13.41
C24 C0N B . 0.75 0.87 10.95
C1 C0N B . 11.28 1.16 9.23
C2 C0N B . 11.03 2.60 9.54
C3 C0N B . 8.76 1.97 10.00
N2 C0N B . 8.99 0.67 9.71
O1 C0N B . 12.06 4.69 10.07
N4 C0N B . 10.59 -1.12 8.99
C9 C0N B . 9.54 -2.10 8.84
C11 C0N B . 7.59 -3.22 9.08
N5 C0N B . 8.38 -3.89 8.15
N6 C0N B . 9.59 -3.19 8.00
C12 C0N B . 6.07 -3.71 9.55
C14 C0N B . 5.36 -2.81 10.25
N7 C0N B . 7.45 2.36 10.41
C16 C0N B . 5.83 4.09 10.97
N8 C0N B . 4.89 3.03 11.22
C18 C0N B . 6.40 1.41 10.17
C19 C0N B . 3.56 3.44 11.62
C23 C0N B . 0.29 0.47 12.35
C25 C0N B . 1.75 1.76 10.74
O2 C0N B . -0.77 -0.49 12.50
O3 C0N B . 3.31 4.62 11.74
S1 C0N B . -0.90 -1.41 13.71
O4 C0N B . -0.74 -0.77 15.07
O5 C0N B . -2.31 -1.94 13.80
H2 C0N B . 13.48 2.49 8.35
H4 C0N B . 14.94 4.24 9.60
H3 C0N B . 15.14 3.92 8.04
H5 C0N B . 13.37 7.65 7.91
H7 C0N B . 7.99 -1.45 10.17
H11 C0N B . 4.41 -4.28 8.54
H14 C0N B . 7.58 3.62 11.95
H15 C0N B . 7.83 4.31 10.52
H18 C0N B . 4.42 1.17 10.73
H19 C0N B . 5.41 1.27 11.98
H22 C0N B . 2.51 2.47 13.95
H23 C0N B . 0.67 0.82 14.33
H24 C0N B . 0.30 0.46 10.17
H1 C0N B . 12.18 0.87 8.96
H6 C0N B . 11.46 -1.38 8.88
H8 C0N B . 8.15 -4.66 7.71
H9 C0N B . 6.09 -4.58 10.01
H12 C0N B . 5.96 -2.04 10.35
H16 C0N B . 5.64 4.46 10.08
H17 C0N B . 5.69 4.79 11.65
H20 C0N B . 6.75 0.50 10.31
H21 C0N B . 6.10 1.49 9.24
H25 C0N B . 2.02 2.01 9.82
#